data_4LKF
#
_entry.id   4LKF
#
_cell.length_a   95.400
_cell.length_b   95.400
_cell.length_c   107.361
_cell.angle_alpha   90.00
_cell.angle_beta   90.00
_cell.angle_gamma   90.00
#
_symmetry.space_group_name_H-M   'P 43 2 2'
#
loop_
_entity.id
_entity.type
_entity.pdbx_description
1 polymer 'PA-I galactophilic lectin'
2 polymer 'peptide WKYL'
3 non-polymer beta-D-galactopyranose
4 non-polymer 'CALCIUM ION'
5 non-polymer 'P-HYDROXYBENZOIC ACID'
6 water water
#
loop_
_entity_poly.entity_id
_entity_poly.type
_entity_poly.pdbx_seq_one_letter_code
_entity_poly.pdbx_strand_id
1 'polypeptide(L)'
;AWKGEVLANNEAGQVTSIIYNPGDVITIVAAGWASYGPTQKWGPQGDREHPDQGLICHDAFCGALVMKIGNSGTIPVNTG
LFRWVAPNNVQGAITLIYNDVPGTYGNNSGSFSVNIGKDQS
;
A,B
2 'polypeptide(L)' WKYL C,D
#
loop_
_chem_comp.id
_chem_comp.type
_chem_comp.name
_chem_comp.formula
CA non-polymer 'CALCIUM ION' 'Ca 2'
GAL D-saccharide, beta linking beta-D-galactopyranose 'C6 H12 O6'
PHB non-polymer 'P-HYDROXYBENZOIC ACID' 'C7 H6 O3'
#
# COMPACT_ATOMS: atom_id res chain seq x y z
N ALA A 1 15.45 3.22 10.84
CA ALA A 1 14.34 2.66 10.09
C ALA A 1 14.20 1.18 10.42
N TRP A 2 13.03 0.61 10.13
CA TRP A 2 12.78 -0.78 10.46
C TRP A 2 12.18 -1.43 9.23
N LYS A 3 12.58 -2.67 8.99
CA LYS A 3 11.94 -3.47 7.96
C LYS A 3 11.70 -4.87 8.49
N GLY A 4 10.49 -5.38 8.30
CA GLY A 4 10.22 -6.72 8.75
C GLY A 4 8.88 -7.22 8.24
N GLU A 5 8.55 -8.44 8.64
CA GLU A 5 7.31 -9.10 8.24
C GLU A 5 6.32 -9.05 9.38
N VAL A 6 5.03 -8.93 9.04
CA VAL A 6 3.98 -9.03 10.02
C VAL A 6 3.12 -10.23 9.63
N LEU A 7 3.17 -11.31 10.40
CA LEU A 7 2.38 -12.50 10.05
C LEU A 7 0.90 -12.31 10.38
N ALA A 8 0.04 -12.75 9.47
CA ALA A 8 -1.41 -12.60 9.67
C ALA A 8 -1.91 -13.39 10.88
N ASN A 9 -1.23 -14.48 11.22
CA ASN A 9 -1.67 -15.31 12.33
C ASN A 9 -1.08 -14.89 13.68
N ASN A 10 -0.33 -13.80 13.69
CA ASN A 10 0.27 -13.29 14.93
C ASN A 10 -0.67 -12.36 15.69
N GLU A 11 -1.46 -12.91 16.60
CA GLU A 11 -2.46 -12.12 17.32
C GLU A 11 -1.85 -10.99 18.17
N ALA A 12 -0.69 -11.25 18.77
CA ALA A 12 -0.05 -10.27 19.65
C ALA A 12 0.52 -9.10 18.84
N GLY A 13 0.83 -9.37 17.57
CA GLY A 13 1.39 -8.35 16.72
C GLY A 13 2.91 -8.40 16.70
N GLN A 14 3.49 -7.70 15.73
CA GLN A 14 4.93 -7.64 15.53
C GLN A 14 5.47 -6.34 16.11
N VAL A 15 6.27 -6.45 17.17
CA VAL A 15 6.87 -5.24 17.73
C VAL A 15 8.00 -4.80 16.82
N THR A 16 8.08 -3.50 16.54
CA THR A 16 9.13 -2.96 15.68
C THR A 16 10.18 -2.26 16.54
N SER A 17 11.26 -1.83 15.89
CA SER A 17 12.32 -1.10 16.58
C SER A 17 12.02 0.40 16.68
N ILE A 18 10.90 0.83 16.11
CA ILE A 18 10.55 2.23 16.09
C ILE A 18 9.90 2.66 17.39
N ILE A 19 10.51 3.62 18.08
CA ILE A 19 9.83 4.27 19.19
C ILE A 19 9.30 5.60 18.69
N TYR A 20 7.99 5.75 18.63
CA TYR A 20 7.39 7.00 18.18
C TYR A 20 7.40 8.04 19.31
N ASN A 21 8.10 9.16 19.08
CA ASN A 21 8.13 10.24 20.05
C ASN A 21 7.35 11.47 19.60
N PRO A 22 6.83 12.25 20.56
CA PRO A 22 6.05 13.43 20.16
C PRO A 22 6.79 14.28 19.14
N GLY A 23 6.09 14.67 18.08
CA GLY A 23 6.68 15.47 17.03
C GLY A 23 7.25 14.66 15.89
N ASP A 24 7.46 13.37 16.10
CA ASP A 24 8.02 12.51 15.05
C ASP A 24 7.13 12.52 13.80
N VAL A 25 7.78 12.50 12.64
CA VAL A 25 7.06 12.34 11.38
C VAL A 25 7.51 11.00 10.82
N ILE A 26 6.57 10.12 10.47
CA ILE A 26 6.97 8.80 9.99
C ILE A 26 6.29 8.42 8.68
N THR A 27 6.95 7.53 7.97
CA THR A 27 6.40 6.96 6.75
C THR A 27 6.45 5.43 6.83
N ILE A 28 5.32 4.82 6.46
CA ILE A 28 5.22 3.37 6.44
C ILE A 28 4.77 2.97 5.05
N VAL A 29 5.41 1.94 4.50
CA VAL A 29 4.93 1.31 3.28
C VAL A 29 4.76 -0.19 3.55
N ALA A 30 3.57 -0.72 3.26
CA ALA A 30 3.28 -2.12 3.53
C ALA A 30 2.89 -2.81 2.22
N ALA A 31 3.35 -4.03 2.04
CA ALA A 31 3.03 -4.79 0.84
C ALA A 31 2.75 -6.25 1.16
N GLY A 32 2.09 -6.94 0.25
CA GLY A 32 1.95 -8.38 0.40
C GLY A 32 0.53 -8.88 0.42
N TRP A 33 0.39 -10.17 0.72
CA TRP A 33 -0.87 -10.87 0.60
C TRP A 33 -1.12 -11.76 1.82
N ALA A 34 -2.32 -11.70 2.35
CA ALA A 34 -2.66 -12.45 3.56
C ALA A 34 -4.15 -12.79 3.60
N SER A 35 -4.51 -13.77 4.42
CA SER A 35 -5.91 -14.09 4.60
C SER A 35 -6.28 -14.26 6.06
N TYR A 36 -7.52 -13.90 6.37
CA TYR A 36 -8.10 -14.13 7.68
C TYR A 36 -8.85 -15.47 7.74
N GLY A 37 -8.81 -16.25 6.67
CA GLY A 37 -9.46 -17.56 6.67
C GLY A 37 -9.83 -18.09 5.29
N PRO A 38 -10.50 -17.26 4.47
CA PRO A 38 -10.89 -17.72 3.14
C PRO A 38 -9.69 -18.11 2.26
N THR A 39 -9.95 -18.86 1.20
CA THR A 39 -8.85 -19.28 0.33
C THR A 39 -8.22 -18.07 -0.37
N GLN A 40 -9.01 -17.04 -0.64
CA GLN A 40 -8.53 -15.83 -1.31
C GLN A 40 -7.53 -15.13 -0.38
N LYS A 41 -6.74 -14.22 -0.94
CA LYS A 41 -5.90 -13.36 -0.10
C LYS A 41 -6.17 -11.91 -0.43
N TRP A 42 -5.85 -11.03 0.52
CA TRP A 42 -6.05 -9.59 0.33
C TRP A 42 -4.76 -8.84 0.68
N GLY A 43 -4.64 -7.65 0.12
CA GLY A 43 -3.53 -6.76 0.44
C GLY A 43 -3.74 -6.06 1.78
N PRO A 44 -2.86 -5.10 2.08
CA PRO A 44 -2.85 -4.43 3.39
C PRO A 44 -4.08 -3.58 3.71
N GLN A 45 -4.97 -3.32 2.73
CA GLN A 45 -6.23 -2.64 3.03
C GLN A 45 -7.33 -3.61 3.45
N GLY A 46 -7.04 -4.90 3.35
CA GLY A 46 -8.00 -5.91 3.77
C GLY A 46 -9.12 -6.14 2.77
N ASP A 47 -10.23 -6.65 3.29
CA ASP A 47 -11.35 -7.13 2.49
C ASP A 47 -12.53 -6.16 2.64
N ARG A 48 -12.75 -5.35 1.61
CA ARG A 48 -13.76 -4.30 1.68
C ARG A 48 -15.19 -4.86 1.66
N GLU A 49 -15.33 -6.15 1.38
CA GLU A 49 -16.65 -6.76 1.28
C GLU A 49 -17.07 -7.49 2.55
N HIS A 50 -16.16 -7.61 3.51
CA HIS A 50 -16.42 -8.44 4.68
C HIS A 50 -16.94 -7.61 5.85
N PRO A 51 -18.05 -8.06 6.47
CA PRO A 51 -18.57 -7.33 7.63
C PRO A 51 -17.65 -7.40 8.85
N ASP A 52 -17.73 -6.38 9.69
CA ASP A 52 -16.97 -6.33 10.94
C ASP A 52 -17.66 -7.16 12.03
N GLN A 53 -17.06 -8.29 12.38
CA GLN A 53 -17.64 -9.22 13.36
C GLN A 53 -17.00 -9.05 14.74
N GLY A 54 -16.33 -7.93 14.97
CA GLY A 54 -15.64 -7.68 16.24
C GLY A 54 -14.14 -7.53 16.05
N LEU A 55 -13.75 -6.81 15.00
CA LEU A 55 -12.34 -6.60 14.67
C LEU A 55 -11.61 -5.77 15.73
N ILE A 56 -10.31 -6.01 15.87
CA ILE A 56 -9.52 -5.20 16.81
C ILE A 56 -9.49 -3.71 16.42
N CYS A 57 -9.67 -3.43 15.14
CA CYS A 57 -9.77 -2.05 14.66
C CYS A 57 -11.03 -1.84 13.83
N HIS A 58 -11.95 -1.03 14.34
CA HIS A 58 -13.22 -0.84 13.66
C HIS A 58 -13.15 0.18 12.51
N ASP A 59 -11.99 0.83 12.37
CA ASP A 59 -11.80 1.82 11.34
C ASP A 59 -10.99 1.31 10.15
N ALA A 60 -10.84 0.00 10.06
CA ALA A 60 -10.18 -0.62 8.92
C ALA A 60 -10.88 -1.94 8.63
N PHE A 61 -10.74 -2.43 7.40
CA PHE A 61 -11.39 -3.68 7.02
C PHE A 61 -10.71 -4.89 7.67
N CYS A 62 -11.46 -5.99 7.73
CA CYS A 62 -10.89 -7.26 8.14
C CYS A 62 -9.72 -7.59 7.19
N GLY A 63 -8.56 -7.94 7.76
CA GLY A 63 -7.41 -8.31 6.95
C GLY A 63 -6.51 -7.12 6.62
N ALA A 64 -6.84 -5.94 7.15
CA ALA A 64 -5.98 -4.77 6.98
C ALA A 64 -4.85 -4.75 7.98
N LEU A 65 -3.80 -4.01 7.65
CA LEU A 65 -2.70 -3.76 8.58
C LEU A 65 -3.08 -2.58 9.48
N VAL A 66 -2.93 -2.77 10.78
CA VAL A 66 -3.14 -1.68 11.74
C VAL A 66 -1.95 -1.63 12.68
N MET A 67 -1.94 -0.66 13.58
CA MET A 67 -0.83 -0.55 14.53
C MET A 67 -1.30 0.00 15.86
N LYS A 68 -0.49 -0.25 16.89
CA LYS A 68 -0.62 0.45 18.16
C LYS A 68 0.70 1.15 18.41
N ILE A 69 0.60 2.33 19.02
CA ILE A 69 1.79 3.08 19.43
C ILE A 69 1.71 3.22 20.94
N GLY A 70 2.65 2.58 21.64
CA GLY A 70 2.60 2.56 23.10
C GLY A 70 1.25 2.06 23.59
N ASN A 71 0.57 2.86 24.41
CA ASN A 71 -0.71 2.46 24.99
C ASN A 71 -1.93 2.87 24.17
N SER A 72 -1.73 3.14 22.88
CA SER A 72 -2.82 3.67 22.09
C SER A 72 -3.79 2.56 21.72
N GLY A 73 -4.96 2.96 21.25
CA GLY A 73 -5.85 2.03 20.59
C GLY A 73 -5.24 1.71 19.24
N THR A 74 -5.91 0.84 18.49
CA THR A 74 -5.44 0.51 17.15
C THR A 74 -5.62 1.71 16.24
N ILE A 75 -4.67 1.89 15.32
CA ILE A 75 -4.71 2.95 14.32
C ILE A 75 -4.52 2.30 12.95
N PRO A 76 -5.40 2.62 11.99
CA PRO A 76 -5.25 2.01 10.66
C PRO A 76 -3.93 2.38 9.98
N VAL A 77 -3.27 1.41 9.37
CA VAL A 77 -2.10 1.68 8.55
C VAL A 77 -2.41 1.42 7.08
N ASN A 78 -3.09 0.30 6.81
CA ASN A 78 -3.41 -0.06 5.45
C ASN A 78 -2.15 -0.19 4.59
N THR A 79 -2.13 0.42 3.40
CA THR A 79 -0.95 0.32 2.53
C THR A 79 0.20 1.13 3.08
N GLY A 80 -0.10 2.03 4.02
CA GLY A 80 0.93 2.85 4.63
C GLY A 80 0.53 4.27 4.96
N LEU A 81 1.51 5.02 5.48
CA LEU A 81 1.28 6.39 5.92
C LEU A 81 2.43 7.22 5.35
N PHE A 82 2.12 8.40 4.84
CA PHE A 82 3.12 9.24 4.20
C PHE A 82 3.36 10.50 5.03
N ARG A 83 4.56 10.59 5.60
CA ARG A 83 4.96 11.73 6.43
C ARG A 83 3.86 12.09 7.43
N TRP A 84 3.56 11.11 8.27
CA TRP A 84 2.41 11.12 9.16
C TRP A 84 2.83 11.49 10.58
N VAL A 85 1.99 12.28 11.24
CA VAL A 85 2.19 12.64 12.64
C VAL A 85 1.01 12.12 13.47
N ALA A 86 1.34 11.51 14.62
CA ALA A 86 0.34 10.94 15.51
C ALA A 86 -0.51 12.00 16.21
N PRO A 87 -1.71 11.63 16.69
CA PRO A 87 -2.54 12.53 17.49
C PRO A 87 -1.84 12.87 18.80
N ASN A 88 -2.25 13.97 19.43
CA ASN A 88 -1.63 14.41 20.67
C ASN A 88 -1.58 13.30 21.71
N ASN A 89 -0.49 13.23 22.46
CA ASN A 89 -0.37 12.31 23.59
C ASN A 89 -0.15 10.84 23.21
N VAL A 90 0.01 10.57 21.92
CA VAL A 90 0.34 9.23 21.46
C VAL A 90 1.85 9.07 21.31
N GLN A 91 2.41 8.06 21.97
CA GLN A 91 3.85 7.85 21.90
C GLN A 91 4.23 6.46 22.40
N GLY A 92 5.38 5.96 21.97
CA GLY A 92 5.87 4.66 22.39
C GLY A 92 6.22 3.73 21.23
N ALA A 93 6.53 2.49 21.56
CA ALA A 93 6.96 1.53 20.55
C ALA A 93 5.81 1.26 19.59
N ILE A 94 6.14 1.09 18.31
CA ILE A 94 5.12 0.77 17.31
C ILE A 94 5.02 -0.75 17.15
N THR A 95 3.81 -1.28 17.35
CA THR A 95 3.53 -2.68 17.08
C THR A 95 2.57 -2.77 15.91
N LEU A 96 2.91 -3.61 14.94
CA LEU A 96 2.07 -3.81 13.75
C LEU A 96 1.21 -5.07 13.95
N ILE A 97 -0.05 -4.99 13.55
CA ILE A 97 -0.98 -6.11 13.78
C ILE A 97 -1.93 -6.30 12.60
N TYR A 98 -2.18 -7.56 12.27
CA TYR A 98 -3.19 -7.90 11.28
C TYR A 98 -4.56 -7.72 11.91
N ASN A 99 -5.47 -7.06 11.20
CA ASN A 99 -6.82 -6.80 11.73
C ASN A 99 -7.73 -8.02 11.61
N ASP A 100 -8.03 -8.67 12.73
CA ASP A 100 -8.95 -9.80 12.74
C ASP A 100 -9.73 -9.76 14.05
N VAL A 101 -10.68 -10.67 14.20
CA VAL A 101 -11.43 -10.81 15.44
C VAL A 101 -10.59 -11.56 16.48
N PRO A 102 -10.54 -11.03 17.71
CA PRO A 102 -9.74 -11.70 18.75
C PRO A 102 -10.14 -13.17 18.90
N GLY A 103 -9.14 -14.04 19.04
CA GLY A 103 -9.38 -15.46 19.17
C GLY A 103 -9.51 -16.22 17.86
N THR A 104 -9.51 -15.49 16.73
CA THR A 104 -9.69 -16.13 15.44
C THR A 104 -8.45 -16.06 14.54
N TYR A 105 -7.28 -15.78 15.11
CA TYR A 105 -6.07 -15.63 14.30
C TYR A 105 -5.45 -16.97 13.87
N GLY A 106 -5.88 -18.07 14.47
CA GLY A 106 -5.25 -19.38 14.24
C GLY A 106 -5.30 -19.85 12.81
N ASN A 107 -6.37 -19.48 12.11
CA ASN A 107 -6.57 -19.94 10.74
C ASN A 107 -6.08 -18.92 9.69
N ASN A 108 -5.33 -17.92 10.15
CA ASN A 108 -4.78 -16.89 9.25
C ASN A 108 -3.52 -17.35 8.55
N SER A 109 -3.24 -16.77 7.41
CA SER A 109 -2.05 -17.15 6.67
C SER A 109 -1.54 -15.98 5.87
N GLY A 110 -0.29 -16.09 5.42
CA GLY A 110 0.36 -14.99 4.72
C GLY A 110 0.90 -13.94 5.67
N SER A 111 1.40 -12.85 5.08
CA SER A 111 2.09 -11.82 5.86
C SER A 111 2.26 -10.58 5.02
N PHE A 112 2.52 -9.45 5.67
CA PHE A 112 2.85 -8.23 4.96
C PHE A 112 4.31 -7.88 5.25
N SER A 113 5.01 -7.42 4.22
CA SER A 113 6.35 -6.89 4.39
C SER A 113 6.24 -5.39 4.58
N VAL A 114 6.87 -4.86 5.63
CA VAL A 114 6.63 -3.47 6.00
C VAL A 114 7.93 -2.74 6.28
N ASN A 115 8.03 -1.53 5.74
CA ASN A 115 9.09 -0.58 6.07
C ASN A 115 8.55 0.58 6.87
N ILE A 116 9.25 0.95 7.93
CA ILE A 116 8.93 2.17 8.65
C ILE A 116 10.19 3.01 8.79
N GLY A 117 10.08 4.29 8.47
CA GLY A 117 11.18 5.23 8.72
C GLY A 117 10.72 6.51 9.38
N LYS A 118 11.64 7.20 10.05
CA LYS A 118 11.33 8.54 10.51
C LYS A 118 11.77 9.54 9.44
N ASP A 119 10.91 10.52 9.19
CA ASP A 119 11.17 11.53 8.17
C ASP A 119 11.82 12.73 8.82
N GLN A 120 12.25 13.67 7.99
CA GLN A 120 12.83 14.88 8.57
C GLN A 120 11.69 15.69 9.20
N SER A 121 11.99 16.30 10.33
CA SER A 121 11.00 17.13 11.02
C SER A 121 11.68 18.27 11.76
N ALA B 1 7.29 17.62 -3.37
CA ALA B 1 6.53 16.37 -3.18
C ALA B 1 5.19 16.48 -3.88
N TRP B 2 4.65 15.35 -4.32
CA TRP B 2 3.42 15.39 -5.10
C TRP B 2 2.38 14.51 -4.42
N LYS B 3 1.14 15.00 -4.41
CA LYS B 3 -0.01 14.20 -4.03
C LYS B 3 -1.14 14.41 -5.02
N GLY B 4 -1.72 13.31 -5.52
CA GLY B 4 -2.83 13.44 -6.44
C GLY B 4 -3.52 12.11 -6.64
N GLU B 5 -4.56 12.11 -7.45
CA GLU B 5 -5.27 10.88 -7.76
C GLU B 5 -4.83 10.33 -9.11
N VAL B 6 -4.82 9.02 -9.22
CA VAL B 6 -4.54 8.35 -10.48
C VAL B 6 -5.82 7.61 -10.87
N LEU B 7 -6.50 8.09 -11.91
CA LEU B 7 -7.75 7.44 -12.33
C LEU B 7 -7.51 6.13 -13.07
N ALA B 8 -8.30 5.12 -12.73
CA ALA B 8 -8.12 3.80 -13.33
C ALA B 8 -8.39 3.83 -14.82
N ASN B 9 -9.25 4.76 -15.26
CA ASN B 9 -9.62 4.83 -16.67
C ASN B 9 -8.71 5.72 -17.51
N ASN B 10 -7.64 6.23 -16.89
CA ASN B 10 -6.72 7.13 -17.58
C ASN B 10 -5.59 6.36 -18.28
N GLU B 11 -5.82 6.00 -19.53
CA GLU B 11 -4.87 5.15 -20.25
C GLU B 11 -3.49 5.80 -20.44
N ALA B 12 -3.45 7.11 -20.66
CA ALA B 12 -2.18 7.81 -20.86
C ALA B 12 -1.40 7.91 -19.56
N GLY B 13 -2.11 7.85 -18.44
CA GLY B 13 -1.48 7.94 -17.14
C GLY B 13 -1.52 9.35 -16.58
N GLN B 14 -1.22 9.46 -15.29
CA GLN B 14 -1.23 10.73 -14.59
C GLN B 14 0.19 11.24 -14.46
N VAL B 15 0.50 12.33 -15.15
CA VAL B 15 1.81 12.93 -15.01
C VAL B 15 1.90 13.64 -13.66
N THR B 16 2.98 13.42 -12.93
CA THR B 16 3.17 14.06 -11.63
C THR B 16 4.13 15.22 -11.78
N SER B 17 4.33 15.96 -10.69
CA SER B 17 5.27 17.07 -10.67
C SER B 17 6.69 16.62 -10.34
N ILE B 18 6.86 15.31 -10.14
CA ILE B 18 8.16 14.75 -9.78
C ILE B 18 9.00 14.50 -11.02
N ILE B 19 10.17 15.12 -11.08
CA ILE B 19 11.16 14.76 -12.07
C ILE B 19 12.25 13.97 -11.38
N TYR B 20 12.37 12.70 -11.74
CA TYR B 20 13.39 11.85 -11.14
C TYR B 20 14.76 12.12 -11.76
N ASN B 21 15.71 12.52 -10.92
CA ASN B 21 17.07 12.80 -11.38
C ASN B 21 18.07 11.79 -10.83
N PRO B 22 19.18 11.58 -11.56
CA PRO B 22 20.15 10.60 -11.11
C PRO B 22 20.55 10.84 -9.64
N GLY B 23 20.55 9.78 -8.86
CA GLY B 23 20.89 9.87 -7.44
C GLY B 23 19.70 10.07 -6.53
N ASP B 24 18.54 10.43 -7.09
CA ASP B 24 17.36 10.68 -6.27
C ASP B 24 16.92 9.42 -5.53
N VAL B 25 16.46 9.62 -4.30
CA VAL B 25 15.84 8.55 -3.52
C VAL B 25 14.39 8.98 -3.34
N ILE B 26 13.44 8.10 -3.69
CA ILE B 26 12.05 8.49 -3.56
C ILE B 26 11.23 7.49 -2.76
N THR B 27 10.14 8.00 -2.19
CA THR B 27 9.18 7.16 -1.50
C THR B 27 7.80 7.43 -2.05
N ILE B 28 7.08 6.35 -2.31
CA ILE B 28 5.73 6.44 -2.84
C ILE B 28 4.83 5.62 -1.93
N VAL B 29 3.69 6.18 -1.59
CA VAL B 29 2.62 5.45 -0.89
C VAL B 29 1.34 5.61 -1.70
N ALA B 30 0.71 4.47 -2.03
CA ALA B 30 -0.49 4.46 -2.85
C ALA B 30 -1.62 3.81 -2.06
N ALA B 31 -2.79 4.42 -2.11
CA ALA B 31 -3.95 3.86 -1.42
C ALA B 31 -5.21 3.95 -2.28
N GLY B 32 -6.21 3.15 -1.94
CA GLY B 32 -7.52 3.30 -2.55
C GLY B 32 -8.02 2.05 -3.27
N TRP B 33 -9.11 2.25 -4.00
CA TRP B 33 -9.83 1.13 -4.60
C TRP B 33 -10.23 1.46 -6.03
N ALA B 34 -10.00 0.50 -6.93
CA ALA B 34 -10.30 0.70 -8.34
C ALA B 34 -10.61 -0.62 -9.02
N SER B 35 -11.20 -0.51 -10.21
CA SER B 35 -11.55 -1.70 -10.97
C SER B 35 -11.16 -1.57 -12.44
N TYR B 36 -10.84 -2.72 -13.04
CA TYR B 36 -10.55 -2.79 -14.47
C TYR B 36 -11.79 -3.24 -15.25
N GLY B 37 -12.95 -3.29 -14.60
CA GLY B 37 -14.18 -3.68 -15.30
C GLY B 37 -15.23 -4.33 -14.41
N PRO B 38 -14.84 -5.33 -13.63
CA PRO B 38 -15.81 -6.00 -12.76
C PRO B 38 -16.44 -5.04 -11.73
N THR B 39 -17.57 -5.42 -11.16
CA THR B 39 -18.19 -4.59 -10.14
C THR B 39 -17.33 -4.48 -8.87
N GLN B 40 -16.54 -5.52 -8.59
CA GLN B 40 -15.66 -5.50 -7.42
C GLN B 40 -14.53 -4.48 -7.62
N LYS B 41 -13.82 -4.17 -6.54
CA LYS B 41 -12.66 -3.29 -6.65
C LYS B 41 -11.45 -3.90 -5.93
N TRP B 42 -10.25 -3.49 -6.35
CA TRP B 42 -8.99 -3.98 -5.83
C TRP B 42 -8.09 -2.81 -5.42
N GLY B 43 -7.17 -3.08 -4.51
CA GLY B 43 -6.17 -2.10 -4.11
C GLY B 43 -5.04 -1.98 -5.11
N PRO B 44 -3.99 -1.22 -4.73
CA PRO B 44 -2.89 -0.90 -5.63
C PRO B 44 -2.04 -2.08 -6.07
N GLN B 45 -2.21 -3.27 -5.46
CA GLN B 45 -1.52 -4.47 -5.96
C GLN B 45 -2.32 -5.17 -7.03
N GLY B 46 -3.53 -4.69 -7.28
CA GLY B 46 -4.37 -5.28 -8.31
C GLY B 46 -5.01 -6.60 -7.92
N ASP B 47 -5.42 -7.35 -8.94
CA ASP B 47 -6.16 -8.61 -8.77
C ASP B 47 -5.25 -9.82 -9.02
N ARG B 48 -4.84 -10.49 -7.94
CA ARG B 48 -3.88 -11.58 -8.04
C ARG B 48 -4.46 -12.83 -8.67
N GLU B 49 -5.77 -12.83 -8.89
CA GLU B 49 -6.44 -13.99 -9.47
C GLU B 49 -6.69 -13.85 -10.97
N HIS B 50 -6.47 -12.66 -11.50
CA HIS B 50 -6.77 -12.38 -12.90
C HIS B 50 -5.57 -12.69 -13.82
N PRO B 51 -5.79 -13.50 -14.85
CA PRO B 51 -4.66 -13.81 -15.74
C PRO B 51 -4.20 -12.58 -16.51
N ASP B 52 -2.96 -12.60 -16.96
CA ASP B 52 -2.40 -11.51 -17.76
C ASP B 52 -2.82 -11.68 -19.22
N GLN B 53 -3.68 -10.78 -19.68
CA GLN B 53 -4.22 -10.85 -21.03
C GLN B 53 -3.59 -9.81 -21.95
N GLY B 54 -2.40 -9.34 -21.58
CA GLY B 54 -1.71 -8.34 -22.40
C GLY B 54 -1.54 -7.01 -21.68
N LEU B 55 -1.18 -7.06 -20.40
CA LEU B 55 -1.07 -5.87 -19.57
C LEU B 55 0.11 -4.99 -19.98
N ILE B 56 0.01 -3.69 -19.72
CA ILE B 56 1.13 -2.79 -20.01
C ILE B 56 2.33 -3.11 -19.14
N CYS B 57 2.10 -3.76 -18.02
CA CYS B 57 3.21 -4.21 -17.16
C CYS B 57 3.04 -5.69 -16.79
N HIS B 58 3.93 -6.53 -17.34
CA HIS B 58 3.82 -7.97 -17.13
C HIS B 58 4.35 -8.41 -15.77
N ASP B 59 4.94 -7.47 -15.02
CA ASP B 59 5.50 -7.79 -13.71
C ASP B 59 4.60 -7.37 -12.55
N ALA B 60 3.37 -6.98 -12.86
CA ALA B 60 2.40 -6.62 -11.83
C ALA B 60 1.03 -7.15 -12.24
N PHE B 61 0.14 -7.31 -11.28
CA PHE B 61 -1.20 -7.80 -11.59
C PHE B 61 -2.05 -6.77 -12.32
N CYS B 62 -3.08 -7.24 -13.01
CA CYS B 62 -4.06 -6.35 -13.59
C CYS B 62 -4.69 -5.53 -12.46
N GLY B 63 -4.73 -4.21 -12.64
CA GLY B 63 -5.33 -3.33 -11.65
C GLY B 63 -4.33 -2.80 -10.63
N ALA B 64 -3.06 -3.13 -10.83
CA ALA B 64 -2.01 -2.60 -9.95
C ALA B 64 -1.58 -1.23 -10.42
N LEU B 65 -1.00 -0.46 -9.50
CA LEU B 65 -0.36 0.80 -9.87
C LEU B 65 1.05 0.56 -10.43
N VAL B 66 1.36 1.19 -11.56
CA VAL B 66 2.71 1.10 -12.10
C VAL B 66 3.15 2.52 -12.48
N MET B 67 4.39 2.67 -12.91
CA MET B 67 4.86 3.99 -13.33
C MET B 67 5.83 3.91 -14.50
N LYS B 68 5.98 5.05 -15.16
CA LYS B 68 7.07 5.26 -16.11
C LYS B 68 7.88 6.46 -15.61
N ILE B 69 9.19 6.39 -15.82
CA ILE B 69 10.08 7.50 -15.51
C ILE B 69 10.72 7.95 -16.81
N GLY B 70 10.39 9.17 -17.24
CA GLY B 70 10.81 9.64 -18.54
C GLY B 70 10.29 8.67 -19.58
N ASN B 71 11.16 8.13 -20.42
CA ASN B 71 10.74 7.21 -21.46
C ASN B 71 11.07 5.76 -21.15
N SER B 72 11.14 5.43 -19.86
CA SER B 72 11.39 4.05 -19.43
C SER B 72 10.19 3.17 -19.76
N GLY B 73 10.38 1.87 -19.64
CA GLY B 73 9.26 0.95 -19.66
C GLY B 73 8.54 1.06 -18.33
N THR B 74 7.41 0.36 -18.22
CA THR B 74 6.67 0.36 -16.97
C THR B 74 7.47 -0.30 -15.85
N ILE B 75 7.31 0.23 -14.64
CA ILE B 75 7.94 -0.29 -13.44
C ILE B 75 6.85 -0.48 -12.39
N PRO B 76 6.77 -1.67 -11.76
CA PRO B 76 5.70 -1.84 -10.77
C PRO B 76 5.84 -0.89 -9.56
N VAL B 77 4.72 -0.36 -9.09
CA VAL B 77 4.72 0.46 -7.87
C VAL B 77 3.92 -0.25 -6.77
N ASN B 78 2.77 -0.80 -7.15
CA ASN B 78 1.92 -1.49 -6.20
C ASN B 78 1.55 -0.55 -5.04
N THR B 79 1.70 -0.99 -3.79
CA THR B 79 1.32 -0.14 -2.66
C THR B 79 2.32 1.00 -2.46
N GLY B 80 3.48 0.90 -3.09
CA GLY B 80 4.49 1.94 -2.98
C GLY B 80 5.92 1.44 -2.94
N LEU B 81 6.84 2.39 -2.78
CA LEU B 81 8.26 2.11 -2.79
C LEU B 81 8.85 2.88 -1.62
N PHE B 82 9.81 2.28 -0.93
CA PHE B 82 10.35 2.92 0.26
C PHE B 82 11.82 3.24 0.03
N ARG B 83 12.14 4.54 0.01
CA ARG B 83 13.52 5.00 -0.20
C ARG B 83 14.18 4.26 -1.35
N TRP B 84 13.57 4.41 -2.52
CA TRP B 84 13.85 3.61 -3.70
C TRP B 84 14.74 4.42 -4.65
N VAL B 85 15.70 3.73 -5.28
CA VAL B 85 16.55 4.35 -6.30
C VAL B 85 16.34 3.63 -7.63
N ALA B 86 16.30 4.40 -8.72
CA ALA B 86 16.02 3.85 -10.04
C ALA B 86 17.23 3.17 -10.64
N PRO B 87 17.01 2.25 -11.60
CA PRO B 87 18.12 1.63 -12.33
C PRO B 87 18.95 2.70 -13.05
N ASN B 88 20.15 2.34 -13.48
CA ASN B 88 21.02 3.31 -14.15
C ASN B 88 20.38 3.83 -15.43
N ASN B 89 20.59 5.11 -15.71
CA ASN B 89 20.11 5.74 -16.94
C ASN B 89 18.63 6.06 -16.96
N VAL B 90 17.93 5.72 -15.87
CA VAL B 90 16.51 6.02 -15.78
C VAL B 90 16.29 7.38 -15.13
N GLN B 91 15.61 8.28 -15.83
CA GLN B 91 15.36 9.62 -15.32
C GLN B 91 14.26 10.33 -16.10
N GLY B 92 13.71 11.38 -15.51
CA GLY B 92 12.66 12.14 -16.15
C GLY B 92 11.39 12.19 -15.31
N ALA B 93 10.34 12.77 -15.89
CA ALA B 93 9.08 12.95 -15.19
C ALA B 93 8.47 11.59 -14.83
N ILE B 94 7.91 11.49 -13.63
CA ILE B 94 7.24 10.26 -13.22
C ILE B 94 5.77 10.33 -13.63
N THR B 95 5.33 9.35 -14.42
CA THR B 95 3.92 9.22 -14.77
C THR B 95 3.38 7.96 -14.08
N LEU B 96 2.25 8.08 -13.41
CA LEU B 96 1.62 6.93 -12.74
C LEU B 96 0.51 6.39 -13.63
N ILE B 97 0.42 5.08 -13.74
CA ILE B 97 -0.58 4.46 -14.62
C ILE B 97 -1.22 3.23 -13.97
N TYR B 98 -2.52 3.07 -14.19
CA TYR B 98 -3.25 1.86 -13.81
C TYR B 98 -2.87 0.73 -14.81
N ASN B 99 -2.54 -0.44 -14.28
CA ASN B 99 -2.15 -1.58 -15.12
C ASN B 99 -3.38 -2.26 -15.73
N ASP B 100 -3.56 -2.09 -17.03
CA ASP B 100 -4.63 -2.78 -17.74
C ASP B 100 -4.14 -3.10 -19.16
N VAL B 101 -4.98 -3.79 -19.93
CA VAL B 101 -4.67 -4.08 -21.33
C VAL B 101 -4.96 -2.85 -22.20
N PRO B 102 -4.01 -2.45 -23.05
CA PRO B 102 -4.24 -1.25 -23.87
C PRO B 102 -5.55 -1.32 -24.65
N GLY B 103 -6.25 -0.19 -24.72
CA GLY B 103 -7.53 -0.10 -25.40
C GLY B 103 -8.71 -0.55 -24.55
N THR B 104 -8.46 -1.02 -23.33
CA THR B 104 -9.53 -1.52 -22.47
C THR B 104 -9.76 -0.68 -21.22
N TYR B 105 -9.27 0.56 -21.22
CA TYR B 105 -9.39 1.42 -20.04
C TYR B 105 -10.76 2.08 -19.87
N GLY B 106 -11.58 2.05 -20.92
CA GLY B 106 -12.85 2.76 -20.90
C GLY B 106 -13.83 2.32 -19.80
N ASN B 107 -13.81 1.03 -19.45
CA ASN B 107 -14.71 0.50 -18.44
C ASN B 107 -14.11 0.46 -17.04
N ASN B 108 -12.98 1.14 -16.86
CA ASN B 108 -12.32 1.21 -15.57
C ASN B 108 -12.94 2.28 -14.67
N SER B 109 -12.87 2.06 -13.37
CA SER B 109 -13.39 3.07 -12.47
C SER B 109 -12.61 3.11 -11.17
N GLY B 110 -12.83 4.16 -10.41
CA GLY B 110 -12.09 4.36 -9.17
C GLY B 110 -10.75 5.00 -9.42
N SER B 111 -9.96 5.10 -8.35
CA SER B 111 -8.70 5.81 -8.45
C SER B 111 -7.86 5.46 -7.24
N PHE B 112 -6.55 5.68 -7.35
CA PHE B 112 -5.68 5.57 -6.20
C PHE B 112 -5.24 6.95 -5.79
N SER B 113 -5.18 7.18 -4.48
CA SER B 113 -4.58 8.41 -3.95
C SER B 113 -3.10 8.12 -3.72
N VAL B 114 -2.22 8.93 -4.30
CA VAL B 114 -0.81 8.62 -4.26
C VAL B 114 0.01 9.79 -3.76
N ASN B 115 0.96 9.51 -2.88
CA ASN B 115 1.96 10.50 -2.45
C ASN B 115 3.33 10.08 -2.97
N ILE B 116 4.08 11.04 -3.50
CA ILE B 116 5.47 10.80 -3.85
C ILE B 116 6.32 11.91 -3.25
N GLY B 117 7.40 11.51 -2.60
CA GLY B 117 8.34 12.47 -2.06
C GLY B 117 9.77 12.09 -2.38
N LYS B 118 10.67 13.08 -2.34
CA LYS B 118 12.08 12.78 -2.45
C LYS B 118 12.65 12.69 -1.04
N ASP B 119 13.48 11.69 -0.83
CA ASP B 119 14.06 11.44 0.48
C ASP B 119 15.42 12.10 0.55
N GLN B 120 15.95 12.23 1.76
CA GLN B 120 17.25 12.87 1.87
C GLN B 120 18.30 11.93 1.27
N SER B 121 19.34 12.52 0.70
CA SER B 121 20.38 11.75 0.05
C SER B 121 21.67 12.55 -0.02
N TRP C 1 -19.19 -15.76 4.09
CA TRP C 1 -20.50 -15.64 3.43
C TRP C 1 -21.09 -17.00 3.05
N LYS C 2 -22.37 -17.16 3.32
CA LYS C 2 -23.14 -18.28 2.81
C LYS C 2 -23.18 -18.04 1.32
N TYR C 3 -22.79 -19.05 0.53
CA TYR C 3 -22.70 -18.91 -0.93
C TYR C 3 -21.29 -18.56 -1.43
N LEU C 4 -20.29 -19.19 -0.83
N TRP D 1 -12.61 -14.69 -17.70
C1 GAL E . -13.98 -15.82 9.20
C2 GAL E . -12.67 -16.55 9.64
C3 GAL E . -12.48 -16.31 11.15
C4 GAL E . -12.42 -14.80 11.42
C5 GAL E . -13.69 -14.12 10.84
C6 GAL E . -13.63 -12.58 10.99
O2 GAL E . -12.76 -17.95 9.41
O3 GAL E . -11.24 -16.94 11.52
O4 GAL E . -11.22 -14.28 10.84
O5 GAL E . -13.88 -14.44 9.46
O6 GAL E . -14.84 -12.01 10.55
CA CA F . -9.19 -15.65 11.11
C1 GAL G . -11.69 -7.64 -18.54
C2 GAL G . -12.20 -6.18 -18.66
C3 GAL G . -11.39 -5.48 -19.77
C4 GAL G . -9.90 -5.61 -19.47
C5 GAL G . -9.49 -7.08 -19.22
C6 GAL G . -8.04 -7.18 -18.72
O2 GAL G . -13.59 -6.13 -18.99
O3 GAL G . -11.76 -4.10 -19.85
O4 GAL G . -9.61 -4.82 -18.32
O5 GAL G . -10.34 -7.67 -18.22
O6 GAL G . -7.62 -8.53 -18.63
CA CA H . -10.68 -2.51 -18.36
C1' PHB I . -19.29 -15.64 5.42
O1' PHB I . -20.26 -16.08 6.04
C1 PHB I . -17.93 -15.73 6.04
C2 PHB I . -16.80 -16.00 5.23
C3 PHB I . -15.53 -16.11 5.82
C4 PHB I . -15.36 -15.94 7.22
C5 PHB I . -16.49 -15.68 8.02
C6 PHB I . -17.77 -15.59 7.43
O4 PHB I . -14.15 -16.05 7.83
C1' PHB J . -13.24 -13.88 -16.86
O1' PHB J . -14.06 -14.27 -16.03
C1 PHB J . -13.01 -12.39 -17.07
C2 PHB J . -13.55 -11.50 -16.13
C3 PHB J . -13.36 -10.12 -16.27
C4 PHB J . -12.63 -9.60 -17.37
C5 PHB J . -12.08 -10.49 -18.32
C6 PHB J . -12.28 -11.89 -18.16
O4 PHB J . -12.43 -8.25 -17.54
#